data_4MPD
#
_entry.id   4MPD
#
_cell.length_a   61.931
_cell.length_b   61.931
_cell.length_c   151.718
_cell.angle_alpha   90.000
_cell.angle_beta   90.000
_cell.angle_gamma   90.000
#
_symmetry.space_group_name_H-M   'P 41 21 2'
#
loop_
_entity.id
_entity.type
_entity.pdbx_description
1 polymer 'Putative ornithine cyclodeaminase'
2 non-polymer 'NICOTINAMIDE-ADENINE-DINUCLEOTIDE (ACIDIC FORM)'
3 non-polymer '2-OXOGLUTARIC ACID'
4 water water
#
_entity_poly.entity_id   1
_entity_poly.type   'polypeptide(L)'
_entity_poly.pdbx_seq_one_letter_code
;GSHMNREMLYLNRSDIEQAGGNHSQVYVDALTEALTAHAHNDFVQPLKPYLRQDPENGHIADRIIAMPSHIGGEHAISGI
KWIGSKHDNPSKRNMERASGVIILNDPETNYPIAVMEASLISSMRTAAVSVIAAKHLAKKGFKDLTIIGCGLIGDKQLQS
MLEQFDHIERVFVYDQFSEACARFVDRWQQQRPEINFIATENAKEAVSNGEVVITCTVTDQPYIEYDWLQKGAFISNISI
MDVHKEVFIKADKVVVDDWSQCNREKKTINQLVLEGKFSKEALHAELGQLVTGDIPGREDDDEIILLNPMGMAIEDISSA
YFIYQQAQQQNIGTTLNLY
;
_entity_poly.pdbx_strand_id   A
#
# COMPACT_ATOMS: atom_id res chain seq x y z
N ARG A 6 9.16 31.59 -0.73
CA ARG A 6 10.35 31.88 -1.52
C ARG A 6 11.15 30.62 -1.86
N GLU A 7 11.41 29.80 -0.85
CA GLU A 7 12.25 28.61 -1.04
C GLU A 7 11.50 27.30 -0.92
N MET A 8 11.94 26.32 -1.71
CA MET A 8 11.43 24.96 -1.63
C MET A 8 12.58 23.99 -1.51
N LEU A 9 12.37 22.88 -0.80
CA LEU A 9 13.38 21.84 -0.69
C LEU A 9 13.07 20.72 -1.66
N TYR A 10 14.02 20.41 -2.54
CA TYR A 10 13.86 19.30 -3.46
C TYR A 10 14.49 18.03 -2.90
N LEU A 11 13.70 16.95 -2.88
CA LEU A 11 14.16 15.68 -2.33
C LEU A 11 13.95 14.54 -3.32
N ASN A 12 15.01 14.19 -4.04
CA ASN A 12 14.94 13.03 -4.94
C ASN A 12 14.93 11.74 -4.13
N ARG A 13 14.78 10.60 -4.81
CA ARG A 13 14.68 9.31 -4.14
C ARG A 13 15.89 9.03 -3.24
N SER A 14 17.08 9.36 -3.73
CA SER A 14 18.31 9.16 -2.96
C SER A 14 18.31 9.97 -1.68
N ASP A 15 17.84 11.21 -1.77
CA ASP A 15 17.73 12.08 -0.59
C ASP A 15 16.70 11.52 0.39
N ILE A 16 15.60 11.00 -0.15
CA ILE A 16 14.55 10.40 0.66
C ILE A 16 15.07 9.17 1.40
N GLU A 17 15.86 8.35 0.69
CA GLU A 17 16.48 7.18 1.31
C GLU A 17 17.44 7.60 2.41
N GLN A 18 18.24 8.62 2.14
CA GLN A 18 19.21 9.11 3.11
C GLN A 18 18.52 9.70 4.33
N ALA A 19 17.36 10.30 4.12
CA ALA A 19 16.59 10.91 5.18
C ALA A 19 15.89 9.88 6.06
N GLY A 20 15.90 8.62 5.62
CA GLY A 20 15.31 7.54 6.39
C GLY A 20 14.08 6.93 5.76
N GLY A 21 13.78 7.36 4.54
CA GLY A 21 12.59 6.89 3.84
C GLY A 21 12.73 5.50 3.25
N ASN A 22 13.82 4.82 3.59
CA ASN A 22 14.05 3.46 3.11
C ASN A 22 13.75 2.41 4.19
N HIS A 23 13.06 2.84 5.24
CA HIS A 23 12.65 1.94 6.31
C HIS A 23 11.21 2.21 6.72
N SER A 24 10.51 1.17 7.14
CA SER A 24 9.06 1.21 7.33
C SER A 24 8.57 2.03 8.51
N GLN A 25 9.39 2.17 9.55
CA GLN A 25 8.94 2.75 10.81
C GLN A 25 8.41 4.19 10.69
N VAL A 26 9.06 5.00 9.85
CA VAL A 26 8.63 6.38 9.67
C VAL A 26 7.29 6.45 8.96
N TYR A 27 7.04 5.49 8.07
CA TYR A 27 5.77 5.44 7.34
C TYR A 27 4.65 4.91 8.23
N VAL A 28 5.00 3.98 9.12
CA VAL A 28 4.05 3.44 10.08
C VAL A 28 3.57 4.53 11.02
N ASP A 29 4.51 5.33 11.52
CA ASP A 29 4.19 6.44 12.41
C ASP A 29 3.36 7.49 11.70
N ALA A 30 3.72 7.80 10.46
CA ALA A 30 3.03 8.82 9.68
C ALA A 30 1.59 8.42 9.37
N LEU A 31 1.38 7.17 8.97
CA LEU A 31 0.05 6.69 8.63
C LEU A 31 -0.83 6.48 9.87
N THR A 32 -0.21 6.10 10.97
CA THR A 32 -0.91 5.98 12.25
C THR A 32 -1.49 7.35 12.62
N GLU A 33 -0.72 8.39 12.34
CA GLU A 33 -1.16 9.77 12.54
C GLU A 33 -2.20 10.15 11.49
N ALA A 34 -1.96 9.74 10.25
CA ALA A 34 -2.85 10.07 9.14
C ALA A 34 -4.22 9.39 9.28
N LEU A 35 -4.22 8.10 9.58
CA LEU A 35 -5.45 7.34 9.70
C LEU A 35 -6.26 7.75 10.93
N THR A 36 -5.58 8.20 11.98
CA THR A 36 -6.25 8.70 13.17
C THR A 36 -7.01 9.97 12.84
N ALA A 37 -6.38 10.84 12.07
CA ALA A 37 -7.02 12.08 11.61
C ALA A 37 -8.15 11.77 10.64
N HIS A 38 -8.01 10.67 9.91
CA HIS A 38 -9.03 10.25 8.95
C HIS A 38 -10.29 9.78 9.66
N ALA A 39 -10.11 9.05 10.75
CA ALA A 39 -11.24 8.52 11.52
C ALA A 39 -12.03 9.63 12.21
N HIS A 40 -11.35 10.75 12.49
CA HIS A 40 -12.00 11.89 13.12
C HIS A 40 -12.40 12.95 12.11
N ASN A 41 -12.30 12.60 10.82
CA ASN A 41 -12.67 13.50 9.73
C ASN A 41 -11.95 14.84 9.72
N ASP A 42 -10.76 14.89 10.32
CA ASP A 42 -9.95 16.10 10.30
C ASP A 42 -9.07 16.11 9.06
N PHE A 43 -9.70 15.96 7.90
CA PHE A 43 -8.99 15.95 6.64
C PHE A 43 -9.88 16.55 5.56
N VAL A 44 -9.26 16.96 4.46
CA VAL A 44 -10.01 17.32 3.26
C VAL A 44 -9.44 16.55 2.08
N GLN A 45 -10.14 15.50 1.67
CA GLN A 45 -9.63 14.61 0.64
C GLN A 45 -10.60 14.50 -0.53
N PRO A 46 -10.45 15.41 -1.52
CA PRO A 46 -11.29 15.40 -2.71
C PRO A 46 -11.12 14.12 -3.52
N LEU A 47 -12.14 13.77 -4.30
CA LEU A 47 -12.07 12.62 -5.19
C LEU A 47 -10.94 12.84 -6.18
N LYS A 48 -10.06 11.84 -6.28
CA LYS A 48 -8.94 11.88 -7.21
C LYS A 48 -9.42 11.88 -8.66
N PRO A 49 -8.93 12.84 -9.46
CA PRO A 49 -9.19 12.76 -10.89
C PRO A 49 -8.13 11.89 -11.58
N TYR A 50 -8.56 10.97 -12.43
CA TYR A 50 -7.63 10.17 -13.21
C TYR A 50 -7.41 10.79 -14.58
N LEU A 51 -6.15 10.99 -14.95
CA LEU A 51 -5.82 11.52 -16.26
C LEU A 51 -5.42 10.38 -17.20
N ARG A 52 -6.30 10.03 -18.12
CA ARG A 52 -6.05 8.94 -19.05
C ARG A 52 -6.07 9.40 -20.50
N GLN A 53 -4.99 9.14 -21.22
CA GLN A 53 -4.87 9.52 -22.62
C GLN A 53 -5.78 8.66 -23.49
N ALA A 61 -4.25 1.51 -15.39
CA ALA A 61 -2.91 1.12 -15.83
C ALA A 61 -2.18 2.30 -16.47
N ASP A 62 -2.62 2.67 -17.68
CA ASP A 62 -2.10 3.86 -18.33
C ASP A 62 -2.86 5.07 -17.82
N ARG A 63 -2.23 5.82 -16.91
CA ARG A 63 -2.93 6.88 -16.21
C ARG A 63 -1.96 7.79 -15.48
N ILE A 64 -2.41 9.01 -15.17
CA ILE A 64 -1.76 9.86 -14.19
C ILE A 64 -2.83 10.38 -13.25
N ILE A 65 -2.58 10.29 -11.95
CA ILE A 65 -3.63 10.52 -10.96
C ILE A 65 -3.20 11.56 -9.94
N ALA A 66 -4.01 12.61 -9.81
CA ALA A 66 -3.74 13.69 -8.87
C ALA A 66 -4.36 13.38 -7.52
N MET A 67 -3.53 13.34 -6.48
CA MET A 67 -3.99 13.00 -5.14
C MET A 67 -3.72 14.13 -4.15
N PRO A 68 -4.61 15.13 -4.11
CA PRO A 68 -4.49 16.25 -3.19
C PRO A 68 -5.24 16.01 -1.89
N SER A 69 -4.70 16.51 -0.78
CA SER A 69 -5.35 16.35 0.52
C SER A 69 -4.77 17.30 1.56
N HIS A 70 -5.57 17.58 2.59
CA HIS A 70 -5.12 18.36 3.73
C HIS A 70 -5.27 17.55 5.01
N ILE A 71 -4.31 17.68 5.91
CA ILE A 71 -4.36 16.98 7.18
C ILE A 71 -4.24 17.97 8.34
N ILE A 77 -0.61 20.06 7.53
CA ILE A 77 0.05 20.03 6.23
C ILE A 77 -0.97 19.84 5.11
N SER A 78 -0.67 20.40 3.94
CA SER A 78 -1.44 20.12 2.74
C SER A 78 -0.47 19.66 1.66
N GLY A 79 -1.00 19.14 0.56
CA GLY A 79 -0.15 18.70 -0.53
C GLY A 79 -0.85 17.85 -1.57
N ILE A 80 -0.06 17.33 -2.51
CA ILE A 80 -0.60 16.51 -3.59
C ILE A 80 0.44 15.51 -4.10
N LYS A 81 -0.02 14.31 -4.45
CA LYS A 81 0.83 13.36 -5.15
C LYS A 81 0.40 13.26 -6.60
N TRP A 82 1.32 13.57 -7.51
CA TRP A 82 1.07 13.55 -8.93
C TRP A 82 1.83 12.37 -9.53
N ILE A 83 1.22 11.19 -9.46
CA ILE A 83 1.90 9.96 -9.80
C ILE A 83 1.44 9.34 -11.12
N GLY A 84 2.37 9.22 -12.06
CA GLY A 84 2.06 8.66 -13.36
C GLY A 84 2.37 7.18 -13.43
N SER A 85 1.66 6.48 -14.30
CA SER A 85 1.87 5.05 -14.49
C SER A 85 1.56 4.65 -15.91
N LYS A 86 2.32 3.67 -16.41
CA LYS A 86 1.94 2.95 -17.62
C LYS A 86 2.63 1.60 -17.70
N HIS A 87 1.85 0.59 -18.09
CA HIS A 87 2.26 -0.81 -18.05
C HIS A 87 3.43 -1.15 -18.97
N ASP A 88 3.61 -0.36 -20.02
CA ASP A 88 4.63 -0.66 -21.01
C ASP A 88 6.06 -0.53 -20.47
N ASN A 89 6.21 -0.08 -19.23
CA ASN A 89 7.52 0.45 -18.79
C ASN A 89 8.63 -0.55 -18.53
N PRO A 90 8.43 -1.50 -17.59
CA PRO A 90 9.53 -2.45 -17.42
C PRO A 90 9.65 -3.32 -18.66
N SER A 91 8.54 -3.46 -19.38
CA SER A 91 8.50 -4.35 -20.54
C SER A 91 9.20 -3.81 -21.77
N LYS A 92 8.95 -2.54 -22.11
CA LYS A 92 9.41 -1.98 -23.37
C LYS A 92 10.59 -1.02 -23.23
N ARG A 93 10.56 -0.17 -22.21
CA ARG A 93 11.53 0.91 -22.09
C ARG A 93 12.50 0.77 -20.91
N ASN A 94 12.41 -0.35 -20.20
CA ASN A 94 13.25 -0.63 -19.03
C ASN A 94 13.18 0.49 -17.99
N MET A 95 11.98 0.96 -17.72
CA MET A 95 11.75 1.97 -16.69
C MET A 95 10.70 1.47 -15.70
N GLU A 96 10.71 2.02 -14.50
CA GLU A 96 9.70 1.66 -13.51
C GLU A 96 8.33 2.09 -14.01
N ARG A 97 7.32 1.28 -13.72
CA ARG A 97 5.95 1.58 -14.10
C ARG A 97 5.52 2.92 -13.49
N ALA A 98 5.68 3.03 -12.18
CA ALA A 98 5.26 4.23 -11.46
C ALA A 98 6.35 5.28 -11.40
N SER A 99 5.93 6.54 -11.45
CA SER A 99 6.84 7.67 -11.31
C SER A 99 6.01 8.92 -11.04
N GLY A 100 6.61 9.93 -10.44
CA GLY A 100 5.90 11.17 -10.17
C GLY A 100 6.53 12.02 -9.09
N VAL A 101 5.80 13.04 -8.67
CA VAL A 101 6.28 13.95 -7.65
C VAL A 101 5.23 14.22 -6.57
N ILE A 102 5.70 14.60 -5.39
CA ILE A 102 4.82 15.02 -4.29
C ILE A 102 5.14 16.44 -3.91
N ILE A 103 4.13 17.29 -3.90
CA ILE A 103 4.31 18.68 -3.48
C ILE A 103 3.75 18.87 -2.08
N LEU A 104 4.53 19.50 -1.20
CA LEU A 104 4.07 19.80 0.14
C LEU A 104 3.79 21.30 0.27
N ASN A 105 2.70 21.64 0.94
CA ASN A 105 2.30 23.04 1.08
C ASN A 105 2.10 23.45 2.54
N ASP A 106 2.58 24.65 2.87
CA ASP A 106 2.39 25.21 4.20
C ASP A 106 0.97 25.77 4.30
N PRO A 107 0.11 25.11 5.09
CA PRO A 107 -1.32 25.43 5.19
C PRO A 107 -1.54 26.86 5.62
N GLU A 108 -0.67 27.38 6.48
CA GLU A 108 -0.71 28.78 6.82
C GLU A 108 -0.52 29.62 5.55
N THR A 109 0.33 29.16 4.63
CA THR A 109 0.57 29.92 3.41
C THR A 109 0.04 29.29 2.07
N ASN A 110 -0.21 27.99 2.02
CA ASN A 110 -0.52 27.28 0.76
C ASN A 110 0.59 27.38 -0.29
N TYR A 111 1.68 28.06 0.07
CA TYR A 111 2.88 28.10 -0.74
C TYR A 111 3.52 26.72 -0.70
N PRO A 112 4.04 26.26 -1.84
CA PRO A 112 4.74 24.98 -1.85
C PRO A 112 6.05 25.09 -1.08
N ILE A 113 6.36 24.09 -0.27
CA ILE A 113 7.57 24.12 0.54
C ILE A 113 8.51 22.96 0.22
N ALA A 114 8.03 22.03 -0.60
CA ALA A 114 8.83 20.87 -0.96
C ALA A 114 8.40 20.24 -2.29
N VAL A 115 9.39 19.79 -3.05
CA VAL A 115 9.15 18.97 -4.23
C VAL A 115 9.88 17.64 -4.04
N MET A 116 9.13 16.56 -3.95
CA MET A 116 9.71 15.27 -3.60
C MET A 116 9.35 14.18 -4.61
N GLU A 117 10.27 13.24 -4.81
CA GLU A 117 9.99 12.08 -5.65
C GLU A 117 8.92 11.25 -4.96
N ALA A 118 8.07 10.60 -5.75
CA ALA A 118 6.84 10.02 -5.21
C ALA A 118 6.80 8.49 -5.13
N SER A 119 7.42 7.82 -6.10
CA SER A 119 7.29 6.37 -6.25
C SER A 119 7.75 5.57 -5.04
N LEU A 120 8.91 5.92 -4.48
CA LEU A 120 9.43 5.23 -3.31
C LEU A 120 8.52 5.46 -2.10
N ILE A 121 8.17 6.71 -1.87
CA ILE A 121 7.25 7.06 -0.78
C ILE A 121 5.91 6.36 -0.94
N SER A 122 5.39 6.36 -2.17
CA SER A 122 4.12 5.72 -2.48
C SER A 122 4.13 4.23 -2.16
N SER A 123 5.21 3.56 -2.52
CA SER A 123 5.33 2.11 -2.30
C SER A 123 5.50 1.77 -0.83
N MET A 124 6.28 2.58 -0.12
CA MET A 124 6.55 2.34 1.30
C MET A 124 5.31 2.60 2.16
N ARG A 125 4.55 3.65 1.85
CA ARG A 125 3.36 3.96 2.61
C ARG A 125 2.29 2.90 2.37
N THR A 126 2.25 2.38 1.15
CA THR A 126 1.31 1.33 0.78
C THR A 126 1.70 0.05 1.51
N ALA A 127 3.00 -0.14 1.71
CA ALA A 127 3.51 -1.27 2.48
C ALA A 127 3.16 -1.09 3.95
N ALA A 128 3.11 0.16 4.39
CA ALA A 128 2.76 0.48 5.77
C ALA A 128 1.28 0.22 6.02
N VAL A 129 0.47 0.36 4.98
CA VAL A 129 -0.96 0.07 5.06
C VAL A 129 -1.17 -1.39 5.44
N SER A 130 -0.47 -2.27 4.74
CA SER A 130 -0.56 -3.70 5.01
C SER A 130 -0.05 -4.03 6.42
N VAL A 131 1.02 -3.36 6.84
CA VAL A 131 1.59 -3.56 8.15
C VAL A 131 0.60 -3.24 9.27
N ILE A 132 0.04 -2.03 9.22
CA ILE A 132 -0.90 -1.58 10.24
C ILE A 132 -2.17 -2.43 10.24
N ALA A 133 -2.64 -2.78 9.05
CA ALA A 133 -3.82 -3.62 8.91
C ALA A 133 -3.56 -5.02 9.47
N ALA A 134 -2.40 -5.58 9.14
CA ALA A 134 -2.02 -6.90 9.63
C ALA A 134 -1.88 -6.90 11.15
N LYS A 135 -1.47 -5.76 11.71
CA LYS A 135 -1.38 -5.63 13.15
C LYS A 135 -2.74 -5.85 13.81
N HIS A 136 -3.80 -5.43 13.12
CA HIS A 136 -5.16 -5.55 13.65
C HIS A 136 -5.93 -6.74 13.07
N LEU A 137 -5.60 -7.12 11.84
CA LEU A 137 -6.43 -8.08 11.12
C LEU A 137 -5.78 -9.46 10.88
N ALA A 138 -4.46 -9.51 10.85
CA ALA A 138 -3.78 -10.79 10.66
C ALA A 138 -3.92 -11.64 11.93
N LYS A 139 -3.88 -12.96 11.76
CA LYS A 139 -3.98 -13.89 12.88
C LYS A 139 -2.75 -13.82 13.78
N LYS A 140 -2.92 -14.23 15.04
CA LYS A 140 -1.82 -14.21 15.99
C LYS A 140 -0.77 -15.27 15.67
N GLY A 141 0.48 -14.85 15.58
CA GLY A 141 1.59 -15.74 15.32
C GLY A 141 1.55 -16.35 13.94
N PHE A 142 1.16 -15.57 12.95
CA PHE A 142 1.21 -16.03 11.57
C PHE A 142 2.67 -16.18 11.17
N LYS A 143 2.96 -17.19 10.36
CA LYS A 143 4.33 -17.49 9.98
C LYS A 143 4.52 -17.44 8.47
N ASP A 144 3.46 -17.73 7.73
CA ASP A 144 3.54 -17.82 6.28
C ASP A 144 2.99 -16.57 5.59
N LEU A 145 3.86 -15.91 4.82
CA LEU A 145 3.47 -14.71 4.10
C LEU A 145 3.50 -14.96 2.60
N THR A 146 2.49 -14.46 1.89
CA THR A 146 2.43 -14.62 0.44
C THR A 146 2.48 -13.29 -0.30
N ILE A 147 3.40 -13.18 -1.25
CA ILE A 147 3.52 -11.98 -2.06
C ILE A 147 3.25 -12.30 -3.53
N ILE A 148 2.20 -11.71 -4.08
CA ILE A 148 1.90 -11.86 -5.50
C ILE A 148 2.27 -10.58 -6.25
N GLY A 149 3.30 -10.66 -7.08
CA GLY A 149 3.79 -9.50 -7.80
C GLY A 149 5.12 -9.04 -7.24
N CYS A 150 6.15 -9.03 -8.08
CA CYS A 150 7.50 -8.75 -7.63
C CYS A 150 8.04 -7.41 -8.12
N GLY A 151 7.15 -6.43 -8.27
CA GLY A 151 7.56 -5.10 -8.68
C GLY A 151 8.10 -4.28 -7.52
N LEU A 152 8.08 -2.97 -7.66
CA LEU A 152 8.53 -2.08 -6.59
C LEU A 152 7.62 -2.19 -5.37
N ILE A 153 6.33 -2.33 -5.63
CA ILE A 153 5.35 -2.47 -4.55
C ILE A 153 5.62 -3.74 -3.74
N GLY A 154 5.68 -4.87 -4.44
CA GLY A 154 5.91 -6.16 -3.79
C GLY A 154 7.17 -6.22 -2.97
N ASP A 155 8.24 -5.60 -3.48
CA ASP A 155 9.52 -5.57 -2.79
C ASP A 155 9.43 -4.81 -1.47
N LYS A 156 8.70 -3.70 -1.49
CA LYS A 156 8.53 -2.88 -0.30
C LYS A 156 7.54 -3.50 0.69
N GLN A 157 6.52 -4.15 0.15
CA GLN A 157 5.57 -4.90 0.97
C GLN A 157 6.33 -5.93 1.79
N LEU A 158 7.17 -6.71 1.12
CA LEU A 158 7.94 -7.76 1.77
C LEU A 158 8.95 -7.19 2.77
N GLN A 159 9.65 -6.14 2.37
CA GLN A 159 10.64 -5.50 3.23
C GLN A 159 10.02 -5.01 4.53
N SER A 160 8.87 -4.34 4.41
CA SER A 160 8.20 -3.75 5.56
C SER A 160 7.63 -4.82 6.50
N MET A 161 7.06 -5.88 5.93
CA MET A 161 6.49 -6.96 6.73
C MET A 161 7.55 -7.66 7.57
N LEU A 162 8.74 -7.84 6.98
CA LEU A 162 9.84 -8.49 7.66
C LEU A 162 10.43 -7.61 8.77
N GLU A 163 10.39 -6.30 8.55
CA GLU A 163 10.90 -5.35 9.54
C GLU A 163 9.94 -5.22 10.72
N GLN A 164 8.65 -5.40 10.45
CA GLN A 164 7.61 -5.15 11.45
C GLN A 164 7.13 -6.43 12.15
N PHE A 165 7.33 -7.58 11.50
CA PHE A 165 6.92 -8.85 12.08
C PHE A 165 8.11 -9.80 12.21
N ASP A 166 8.49 -10.10 13.45
CA ASP A 166 9.75 -10.77 13.75
C ASP A 166 9.83 -12.25 13.34
N HIS A 167 8.72 -12.97 13.42
CA HIS A 167 8.77 -14.41 13.21
C HIS A 167 8.13 -14.90 11.91
N ILE A 168 8.22 -14.09 10.86
CA ILE A 168 7.82 -14.57 9.54
C ILE A 168 8.83 -15.64 9.12
N GLU A 169 8.33 -16.86 8.88
CA GLU A 169 9.21 -18.00 8.65
C GLU A 169 9.30 -18.41 7.19
N ARG A 170 8.17 -18.34 6.48
CA ARG A 170 8.16 -18.68 5.06
C ARG A 170 7.51 -17.58 4.24
N VAL A 171 8.06 -17.36 3.04
CA VAL A 171 7.52 -16.35 2.13
C VAL A 171 7.24 -16.97 0.76
N PHE A 172 5.95 -17.11 0.46
CA PHE A 172 5.54 -17.64 -0.84
C PHE A 172 5.43 -16.51 -1.86
N VAL A 173 6.13 -16.67 -2.98
CA VAL A 173 6.23 -15.61 -3.98
C VAL A 173 5.76 -16.11 -5.34
N TYR A 174 4.83 -15.38 -5.95
CA TYR A 174 4.44 -15.66 -7.32
C TYR A 174 4.38 -14.40 -8.15
N ASP A 175 4.80 -14.52 -9.40
CA ASP A 175 4.71 -13.44 -10.37
C ASP A 175 4.53 -14.05 -11.73
N GLN A 176 3.71 -13.41 -12.57
CA GLN A 176 3.48 -13.87 -13.94
C GLN A 176 4.79 -13.96 -14.69
N PHE A 177 5.66 -12.98 -14.47
CA PHE A 177 7.00 -13.00 -15.02
C PHE A 177 7.84 -13.97 -14.19
N SER A 178 8.21 -15.10 -14.79
CA SER A 178 8.93 -16.14 -14.07
C SER A 178 10.33 -15.70 -13.66
N GLU A 179 10.97 -14.90 -14.50
CA GLU A 179 12.32 -14.42 -14.22
C GLU A 179 12.30 -13.36 -13.13
N ALA A 180 11.29 -12.49 -13.19
CA ALA A 180 11.15 -11.44 -12.19
C ALA A 180 10.90 -12.04 -10.82
N CYS A 181 10.17 -13.16 -10.78
CA CYS A 181 9.91 -13.87 -9.53
C CYS A 181 11.17 -14.57 -9.04
N ALA A 182 11.85 -15.24 -9.96
CA ALA A 182 13.08 -15.97 -9.62
C ALA A 182 14.15 -15.02 -9.10
N ARG A 183 14.32 -13.88 -9.77
CA ARG A 183 15.30 -12.88 -9.35
C ARG A 183 14.91 -12.30 -8.00
N PHE A 184 13.61 -12.09 -7.81
CA PHE A 184 13.07 -11.57 -6.55
C PHE A 184 13.39 -12.53 -5.40
N VAL A 185 13.05 -13.80 -5.59
CA VAL A 185 13.28 -14.81 -4.57
C VAL A 185 14.76 -14.99 -4.23
N ASP A 186 15.59 -15.01 -5.28
CA ASP A 186 17.03 -15.21 -5.11
C ASP A 186 17.69 -14.17 -4.21
N ARG A 187 17.54 -12.89 -4.55
CA ARG A 187 18.18 -11.82 -3.80
C ARG A 187 17.60 -11.64 -2.40
N TRP A 188 16.31 -11.94 -2.23
CA TRP A 188 15.70 -11.89 -0.90
C TRP A 188 16.17 -13.07 -0.05
N GLN A 189 16.42 -14.20 -0.70
CA GLN A 189 16.96 -15.37 0.01
C GLN A 189 18.37 -15.07 0.49
N GLN A 190 19.07 -14.21 -0.24
CA GLN A 190 20.41 -13.79 0.15
C GLN A 190 20.35 -12.75 1.26
N GLN A 191 19.32 -11.91 1.23
CA GLN A 191 19.16 -10.89 2.26
C GLN A 191 18.71 -11.49 3.59
N ARG A 192 17.91 -12.54 3.52
CA ARG A 192 17.44 -13.24 4.72
C ARG A 192 17.56 -14.75 4.55
N PRO A 193 18.79 -15.29 4.71
CA PRO A 193 19.05 -16.72 4.53
C PRO A 193 18.34 -17.60 5.56
N GLU A 194 17.87 -16.98 6.64
CA GLU A 194 17.18 -17.70 7.71
C GLU A 194 15.70 -17.90 7.38
N ILE A 195 15.23 -17.23 6.34
CA ILE A 195 13.84 -17.31 5.93
C ILE A 195 13.71 -18.12 4.63
N ASN A 196 12.72 -19.03 4.60
CA ASN A 196 12.51 -19.87 3.43
C ASN A 196 11.60 -19.22 2.40
N PHE A 197 12.20 -18.76 1.30
CA PHE A 197 11.46 -18.15 0.21
C PHE A 197 11.12 -19.18 -0.86
N ILE A 198 9.84 -19.30 -1.19
CA ILE A 198 9.38 -20.32 -2.13
C ILE A 198 8.84 -19.74 -3.43
N ALA A 199 9.48 -20.10 -4.54
CA ALA A 199 9.01 -19.70 -5.86
C ALA A 199 7.94 -20.66 -6.36
N THR A 200 6.69 -20.20 -6.38
CA THR A 200 5.58 -21.05 -6.78
C THR A 200 5.36 -21.05 -8.29
N GLU A 201 4.71 -22.09 -8.79
CA GLU A 201 4.47 -22.23 -10.23
C GLU A 201 3.25 -21.42 -10.67
N ASN A 202 2.30 -21.22 -9.76
CA ASN A 202 1.10 -20.45 -10.07
C ASN A 202 0.59 -19.67 -8.86
N ALA A 203 -0.41 -18.83 -9.08
CA ALA A 203 -0.97 -18.00 -8.02
C ALA A 203 -1.66 -18.85 -6.95
N LYS A 204 -2.29 -19.95 -7.37
CA LYS A 204 -3.05 -20.79 -6.46
C LYS A 204 -2.19 -21.37 -5.35
N GLU A 205 -1.04 -21.92 -5.70
CA GLU A 205 -0.12 -22.48 -4.70
C GLU A 205 0.32 -21.41 -3.69
N ALA A 206 0.68 -20.24 -4.22
CA ALA A 206 1.15 -19.14 -3.38
C ALA A 206 0.06 -18.66 -2.42
N VAL A 207 -1.15 -18.44 -2.95
CA VAL A 207 -2.26 -17.97 -2.14
C VAL A 207 -2.72 -19.03 -1.14
N SER A 208 -2.80 -20.28 -1.58
CA SER A 208 -3.22 -21.38 -0.72
C SER A 208 -2.38 -21.52 0.54
N ASN A 209 -1.08 -21.23 0.43
CA ASN A 209 -0.16 -21.44 1.54
C ASN A 209 0.14 -20.19 2.37
N GLY A 210 -0.63 -19.13 2.13
CA GLY A 210 -0.41 -17.87 2.83
C GLY A 210 -1.41 -17.58 3.92
N GLU A 211 -0.90 -17.34 5.13
CA GLU A 211 -1.73 -16.90 6.24
C GLU A 211 -1.99 -15.40 6.11
N VAL A 212 -1.02 -14.72 5.50
CA VAL A 212 -1.21 -13.33 5.11
C VAL A 212 -0.87 -13.21 3.62
N VAL A 213 -1.83 -12.72 2.83
CA VAL A 213 -1.66 -12.64 1.39
C VAL A 213 -1.72 -11.20 0.88
N ILE A 214 -0.68 -10.78 0.16
CA ILE A 214 -0.63 -9.43 -0.36
C ILE A 214 -0.53 -9.44 -1.88
N THR A 215 -1.47 -8.75 -2.53
CA THR A 215 -1.49 -8.67 -3.99
C THR A 215 -0.77 -7.42 -4.48
N CYS A 216 0.21 -7.60 -5.35
CA CYS A 216 1.01 -6.48 -5.85
C CYS A 216 1.22 -6.58 -7.36
N THR A 217 0.14 -6.82 -8.09
CA THR A 217 0.23 -7.02 -9.54
C THR A 217 -0.35 -5.84 -10.32
N VAL A 218 -0.29 -5.94 -11.64
CA VAL A 218 -0.87 -4.92 -12.52
C VAL A 218 -1.83 -5.55 -13.52
N THR A 219 -2.89 -6.16 -13.00
N THR A 219 -2.89 -6.16 -13.00
CA THR A 219 -3.88 -6.83 -13.83
CA THR A 219 -3.88 -6.83 -13.85
C THR A 219 -5.22 -6.12 -13.82
C THR A 219 -5.23 -6.12 -13.82
N ASP A 220 -6.10 -6.51 -14.75
CA ASP A 220 -7.45 -5.95 -14.82
C ASP A 220 -8.46 -7.03 -14.43
N GLN A 221 -8.08 -8.28 -14.65
CA GLN A 221 -8.96 -9.41 -14.40
C GLN A 221 -8.64 -10.14 -13.10
N PRO A 222 -9.66 -10.39 -12.29
CA PRO A 222 -9.52 -11.13 -11.03
C PRO A 222 -9.17 -12.59 -11.27
N TYR A 223 -8.44 -13.19 -10.34
CA TYR A 223 -8.02 -14.58 -10.46
C TYR A 223 -8.08 -15.31 -9.13
N ILE A 224 -7.91 -14.55 -8.03
CA ILE A 224 -7.94 -15.14 -6.70
C ILE A 224 -9.34 -15.59 -6.31
N GLU A 225 -9.51 -16.89 -6.12
CA GLU A 225 -10.79 -17.45 -5.71
C GLU A 225 -10.88 -17.53 -4.19
N TYR A 226 -12.10 -17.57 -3.68
CA TYR A 226 -12.32 -17.59 -2.24
C TYR A 226 -11.79 -18.85 -1.57
N ASP A 227 -11.98 -20.00 -2.20
CA ASP A 227 -11.58 -21.27 -1.59
C ASP A 227 -10.06 -21.49 -1.57
N TRP A 228 -9.33 -20.58 -2.21
CA TRP A 228 -7.88 -20.60 -2.16
C TRP A 228 -7.41 -20.18 -0.77
N LEU A 229 -8.20 -19.32 -0.14
CA LEU A 229 -7.82 -18.70 1.13
C LEU A 229 -8.00 -19.64 2.32
N GLN A 230 -6.94 -19.79 3.11
CA GLN A 230 -7.00 -20.56 4.34
C GLN A 230 -7.98 -19.95 5.32
N LYS A 231 -8.52 -20.77 6.22
CA LYS A 231 -9.28 -20.25 7.34
C LYS A 231 -8.33 -19.48 8.25
N GLY A 232 -8.72 -18.27 8.62
CA GLY A 232 -7.89 -17.43 9.47
C GLY A 232 -6.95 -16.55 8.68
N ALA A 233 -7.00 -16.64 7.36
CA ALA A 233 -6.12 -15.86 6.51
C ALA A 233 -6.53 -14.39 6.44
N PHE A 234 -5.56 -13.53 6.21
CA PHE A 234 -5.82 -12.11 5.98
C PHE A 234 -5.21 -11.70 4.65
N ILE A 235 -6.03 -11.15 3.77
CA ILE A 235 -5.54 -10.73 2.47
C ILE A 235 -5.56 -9.21 2.29
N SER A 236 -4.38 -8.63 2.09
CA SER A 236 -4.25 -7.21 1.84
C SER A 236 -4.27 -6.97 0.33
N ASN A 237 -5.44 -6.66 -0.19
CA ASN A 237 -5.62 -6.51 -1.64
C ASN A 237 -5.12 -5.15 -2.14
N ILE A 238 -3.81 -4.98 -2.11
CA ILE A 238 -3.17 -3.73 -2.51
C ILE A 238 -3.42 -3.39 -3.98
N SER A 239 -3.26 -4.37 -4.86
CA SER A 239 -3.43 -4.15 -6.30
C SER A 239 -4.90 -4.25 -6.74
N ILE A 240 -5.78 -4.54 -5.78
CA ILE A 240 -7.22 -4.35 -5.94
C ILE A 240 -7.92 -5.30 -6.93
N MET A 241 -7.47 -5.34 -8.18
CA MET A 241 -8.17 -6.05 -9.24
C MET A 241 -8.01 -7.58 -9.17
N ASP A 242 -7.09 -8.04 -8.33
CA ASP A 242 -6.75 -9.46 -8.28
C ASP A 242 -7.85 -10.32 -7.68
N VAL A 243 -8.67 -9.72 -6.82
CA VAL A 243 -9.63 -10.47 -6.02
C VAL A 243 -11.01 -10.60 -6.67
N HIS A 244 -11.47 -11.85 -6.80
CA HIS A 244 -12.81 -12.13 -7.33
C HIS A 244 -13.89 -11.52 -6.46
N LYS A 245 -15.04 -11.20 -7.06
CA LYS A 245 -16.15 -10.60 -6.34
C LYS A 245 -16.63 -11.45 -5.17
N GLU A 246 -16.52 -12.76 -5.33
CA GLU A 246 -17.01 -13.70 -4.33
C GLU A 246 -16.32 -13.53 -2.98
N VAL A 247 -15.06 -13.10 -2.99
CA VAL A 247 -14.31 -12.92 -1.75
C VAL A 247 -14.91 -11.78 -0.92
N PHE A 248 -15.37 -10.73 -1.60
CA PHE A 248 -16.00 -9.60 -0.93
C PHE A 248 -17.26 -10.01 -0.17
N ILE A 249 -17.99 -10.99 -0.71
CA ILE A 249 -19.26 -11.40 -0.11
C ILE A 249 -19.12 -12.61 0.81
N LYS A 250 -18.01 -13.33 0.71
CA LYS A 250 -17.82 -14.53 1.51
C LYS A 250 -16.90 -14.33 2.71
N ALA A 251 -16.03 -13.32 2.63
CA ALA A 251 -15.13 -13.00 3.73
C ALA A 251 -15.92 -12.64 4.98
N ASP A 252 -15.43 -13.04 6.14
CA ASP A 252 -16.11 -12.78 7.40
C ASP A 252 -16.10 -11.29 7.71
N LYS A 253 -14.99 -10.63 7.39
CA LYS A 253 -14.87 -9.19 7.61
C LYS A 253 -14.22 -8.51 6.41
N VAL A 254 -14.86 -7.47 5.90
CA VAL A 254 -14.30 -6.67 4.82
C VAL A 254 -13.92 -5.29 5.33
N VAL A 255 -12.67 -4.90 5.12
CA VAL A 255 -12.18 -3.61 5.58
C VAL A 255 -11.65 -2.77 4.42
N VAL A 256 -12.03 -1.49 4.39
CA VAL A 256 -11.50 -0.58 3.38
C VAL A 256 -10.81 0.59 4.08
N ASP A 257 -10.19 1.46 3.29
CA ASP A 257 -9.58 2.67 3.84
C ASP A 257 -10.60 3.80 3.88
N ASP A 258 -11.31 3.99 2.77
CA ASP A 258 -12.35 5.01 2.68
C ASP A 258 -13.51 4.49 1.85
N TRP A 259 -14.68 4.37 2.47
CA TRP A 259 -15.86 3.82 1.80
C TRP A 259 -16.34 4.70 0.65
N SER A 260 -16.35 6.01 0.87
CA SER A 260 -16.77 6.96 -0.16
C SER A 260 -15.83 6.90 -1.35
N GLN A 261 -14.56 6.59 -1.08
CA GLN A 261 -13.56 6.46 -2.13
C GLN A 261 -13.83 5.21 -2.97
N CYS A 262 -14.15 4.11 -2.30
CA CYS A 262 -14.38 2.84 -2.97
C CYS A 262 -15.57 2.88 -3.93
N ASN A 263 -16.50 3.79 -3.70
CA ASN A 263 -17.66 3.94 -4.56
C ASN A 263 -17.53 5.14 -5.50
N THR A 268 -15.39 -1.86 -8.33
CA THR A 268 -15.60 -3.27 -8.02
C THR A 268 -16.54 -3.44 -6.82
N ILE A 269 -16.46 -2.53 -5.87
CA ILE A 269 -17.37 -2.51 -4.73
C ILE A 269 -18.65 -1.76 -5.13
N ASN A 270 -18.48 -0.72 -5.92
CA ASN A 270 -19.59 0.08 -6.40
C ASN A 270 -20.63 -0.75 -7.15
N GLN A 271 -20.17 -1.61 -8.05
CA GLN A 271 -21.07 -2.47 -8.80
C GLN A 271 -21.73 -3.52 -7.92
N LEU A 272 -21.01 -4.00 -6.91
CA LEU A 272 -21.58 -4.90 -5.92
C LEU A 272 -22.70 -4.19 -5.14
N VAL A 273 -22.52 -2.90 -4.89
CA VAL A 273 -23.54 -2.07 -4.23
C VAL A 273 -24.65 -1.75 -5.22
N LEU A 274 -24.26 -1.50 -6.47
CA LEU A 274 -25.22 -1.24 -7.53
C LEU A 274 -26.09 -2.46 -7.78
N GLU A 275 -25.48 -3.64 -7.70
CA GLU A 275 -26.22 -4.88 -7.72
C GLU A 275 -26.70 -5.16 -6.29
N GLY A 276 -27.51 -6.19 -6.11
CA GLY A 276 -28.04 -6.50 -4.80
C GLY A 276 -27.12 -7.37 -3.96
N LYS A 277 -25.83 -7.02 -3.90
CA LYS A 277 -24.84 -7.92 -3.31
C LYS A 277 -23.99 -7.33 -2.17
N PHE A 278 -23.93 -6.01 -2.05
CA PHE A 278 -23.12 -5.41 -0.99
C PHE A 278 -23.61 -4.02 -0.58
N SER A 279 -23.20 -3.59 0.60
CA SER A 279 -23.59 -2.30 1.15
C SER A 279 -22.64 -1.88 2.27
N LYS A 280 -22.77 -0.64 2.74
CA LYS A 280 -21.90 -0.15 3.81
C LYS A 280 -22.19 -0.86 5.13
N GLU A 281 -23.44 -1.25 5.31
CA GLU A 281 -23.85 -1.96 6.53
C GLU A 281 -23.10 -3.29 6.66
N ALA A 282 -22.84 -3.93 5.52
CA ALA A 282 -22.13 -5.20 5.51
C ALA A 282 -20.63 -5.00 5.71
N LEU A 283 -20.16 -3.79 5.45
CA LEU A 283 -18.76 -3.46 5.67
C LEU A 283 -18.42 -3.49 7.15
N HIS A 284 -17.29 -4.09 7.49
CA HIS A 284 -16.88 -4.21 8.88
C HIS A 284 -16.41 -2.88 9.46
N ALA A 285 -15.40 -2.30 8.82
CA ALA A 285 -14.81 -1.06 9.31
C ALA A 285 -13.94 -0.36 8.28
N GLU A 286 -13.67 0.91 8.50
CA GLU A 286 -12.64 1.63 7.75
C GLU A 286 -11.35 1.51 8.55
N LEU A 287 -10.22 1.44 7.85
CA LEU A 287 -8.93 1.17 8.47
C LEU A 287 -8.59 2.13 9.63
N GLY A 288 -9.00 3.38 9.50
CA GLY A 288 -8.75 4.37 10.53
C GLY A 288 -9.45 4.07 11.84
N GLN A 289 -10.57 3.35 11.75
CA GLN A 289 -11.35 3.00 12.93
C GLN A 289 -10.68 1.89 13.74
N LEU A 290 -9.92 1.04 13.07
CA LEU A 290 -9.17 -0.02 13.74
C LEU A 290 -8.02 0.60 14.52
N VAL A 291 -7.38 1.61 13.92
CA VAL A 291 -6.26 2.29 14.55
C VAL A 291 -6.68 3.01 15.83
N THR A 292 -7.79 3.73 15.76
CA THR A 292 -8.27 4.49 16.90
C THR A 292 -8.91 3.61 17.96
N GLY A 293 -9.23 2.37 17.58
CA GLY A 293 -9.85 1.43 18.50
C GLY A 293 -11.33 1.67 18.67
N ASP A 294 -11.95 2.25 17.66
CA ASP A 294 -13.39 2.45 17.66
C ASP A 294 -14.11 1.15 17.31
N ILE A 295 -13.44 0.32 16.51
CA ILE A 295 -13.98 -0.96 16.08
C ILE A 295 -12.92 -2.05 16.21
N PRO A 296 -13.28 -3.19 16.81
CA PRO A 296 -12.35 -4.31 16.98
C PRO A 296 -11.84 -4.84 15.65
N GLY A 297 -10.67 -5.48 15.66
CA GLY A 297 -10.13 -6.11 14.47
C GLY A 297 -10.54 -7.58 14.42
N ARG A 298 -9.57 -8.45 14.16
CA ARG A 298 -9.81 -9.89 14.15
C ARG A 298 -10.29 -10.36 15.52
N GLU A 299 -11.35 -11.16 15.52
CA GLU A 299 -11.96 -11.59 16.78
C GLU A 299 -11.91 -13.10 17.00
N ASP A 300 -11.47 -13.84 15.99
CA ASP A 300 -11.13 -15.25 16.16
C ASP A 300 -10.17 -15.77 15.08
N ASP A 301 -9.73 -17.01 15.25
CA ASP A 301 -8.64 -17.57 14.44
C ASP A 301 -9.11 -18.25 13.16
N ASP A 302 -10.42 -18.21 12.90
CA ASP A 302 -10.97 -18.86 11.72
C ASP A 302 -11.42 -17.84 10.68
N GLU A 303 -11.58 -16.60 11.12
CA GLU A 303 -12.07 -15.52 10.27
C GLU A 303 -11.18 -15.24 9.08
N ILE A 304 -11.78 -15.21 7.89
CA ILE A 304 -11.08 -14.75 6.70
C ILE A 304 -11.38 -13.27 6.50
N ILE A 305 -10.33 -12.45 6.54
CA ILE A 305 -10.50 -11.00 6.50
C ILE A 305 -9.86 -10.38 5.26
N LEU A 306 -10.62 -9.53 4.58
CA LEU A 306 -10.15 -8.87 3.37
C LEU A 306 -10.00 -7.37 3.56
N LEU A 307 -8.81 -6.86 3.24
CA LEU A 307 -8.58 -5.43 3.21
C LEU A 307 -8.57 -4.94 1.77
N ASN A 308 -9.41 -3.96 1.46
CA ASN A 308 -9.47 -3.41 0.11
C ASN A 308 -9.19 -1.91 0.13
N PRO A 309 -7.91 -1.52 0.16
CA PRO A 309 -7.51 -0.12 0.21
C PRO A 309 -7.37 0.49 -1.18
N MET A 310 -7.98 1.67 -1.38
CA MET A 310 -7.88 2.37 -2.65
C MET A 310 -6.64 3.26 -2.66
N GLY A 311 -6.10 3.49 -1.47
CA GLY A 311 -4.99 4.43 -1.32
C GLY A 311 -5.55 5.83 -1.13
N MET A 312 -5.06 6.51 -0.10
CA MET A 312 -5.53 7.86 0.20
C MET A 312 -4.38 8.87 0.14
N ALA A 313 -4.70 10.07 -0.34
CA ALA A 313 -3.69 11.12 -0.52
C ALA A 313 -3.07 11.53 0.81
N ILE A 314 -3.85 11.49 1.88
CA ILE A 314 -3.35 11.83 3.21
C ILE A 314 -2.24 10.89 3.65
N GLU A 315 -2.23 9.68 3.12
CA GLU A 315 -1.21 8.70 3.45
C GLU A 315 0.14 9.11 2.85
N ASP A 316 0.09 9.70 1.66
CA ASP A 316 1.31 10.14 0.97
C ASP A 316 1.82 11.46 1.54
N ILE A 317 0.90 12.38 1.81
CA ILE A 317 1.27 13.70 2.30
C ILE A 317 1.86 13.63 3.69
N SER A 318 1.24 12.85 4.57
CA SER A 318 1.74 12.66 5.92
C SER A 318 3.13 12.01 5.90
N SER A 319 3.29 11.00 5.05
CA SER A 319 4.57 10.30 4.92
C SER A 319 5.66 11.23 4.40
N ALA A 320 5.34 11.97 3.33
CA ALA A 320 6.29 12.89 2.72
C ALA A 320 6.68 14.00 3.70
N TYR A 321 5.70 14.49 4.46
CA TYR A 321 5.94 15.56 5.42
C TYR A 321 6.89 15.13 6.52
N PHE A 322 6.68 13.91 7.03
CA PHE A 322 7.57 13.35 8.05
C PHE A 322 8.99 13.24 7.52
N ILE A 323 9.11 12.72 6.30
CA ILE A 323 10.42 12.57 5.64
C ILE A 323 11.05 13.94 5.38
N TYR A 324 10.22 14.89 4.95
CA TYR A 324 10.67 16.26 4.71
C TYR A 324 11.32 16.87 5.96
N GLN A 325 10.69 16.64 7.11
CA GLN A 325 11.22 17.15 8.37
C GLN A 325 12.54 16.45 8.73
N GLN A 326 12.59 15.14 8.54
CA GLN A 326 13.79 14.37 8.83
C GLN A 326 14.95 14.80 7.94
N ALA A 327 14.65 15.09 6.68
CA ALA A 327 15.65 15.58 5.74
C ALA A 327 16.20 16.94 6.16
N GLN A 328 15.31 17.83 6.58
CA GLN A 328 15.71 19.17 7.00
C GLN A 328 16.57 19.14 8.26
N GLN A 329 16.26 18.24 9.17
CA GLN A 329 17.01 18.13 10.42
C GLN A 329 18.44 17.67 10.16
N GLN A 330 18.63 16.91 9.10
CA GLN A 330 19.94 16.39 8.72
C GLN A 330 20.50 17.19 7.54
N ASN A 331 19.84 18.30 7.22
CA ASN A 331 20.23 19.16 6.10
C ASN A 331 20.37 18.43 4.77
N ILE A 332 19.42 17.52 4.52
CA ILE A 332 19.43 16.72 3.29
C ILE A 332 18.51 17.34 2.25
N GLY A 333 19.00 17.46 1.02
CA GLY A 333 18.19 17.93 -0.08
C GLY A 333 18.75 19.13 -0.81
N THR A 334 18.08 19.52 -1.89
CA THR A 334 18.48 20.66 -2.70
C THR A 334 17.50 21.82 -2.52
N THR A 335 18.00 22.94 -2.00
CA THR A 335 17.17 24.11 -1.81
C THR A 335 16.93 24.83 -3.13
N LEU A 336 15.66 24.98 -3.50
CA LEU A 336 15.30 25.67 -4.73
C LEU A 336 14.64 27.00 -4.41
N ASN A 337 14.90 28.00 -5.24
CA ASN A 337 14.19 29.27 -5.16
C ASN A 337 13.01 29.28 -6.12
N LEU A 338 11.90 29.85 -5.68
CA LEU A 338 10.66 29.79 -6.43
C LEU A 338 10.54 30.93 -7.44
N TYR A 339 11.12 32.08 -7.13
CA TYR A 339 10.97 33.27 -7.96
C TYR A 339 12.13 33.49 -8.92
#